data_8VB5
#
_entry.id   8VB5
#
_cell.length_a   34.412
_cell.length_b   81.699
_cell.length_c   94.936
_cell.angle_alpha   90.000
_cell.angle_beta   90.000
_cell.angle_gamma   90.000
#
_symmetry.space_group_name_H-M   'P 21 21 21'
#
loop_
_entity.id
_entity.type
_entity.pdbx_description
1 polymer 'Receptor tyrosine-protein kinase erbB-2'
2 non-polymer Tucatinib
3 non-polymer 1,2-ETHANEDIOL
4 non-polymer 'CHLORIDE ION'
5 non-polymer DI(HYDROXYETHYL)ETHER
6 water water
#
_entity_poly.entity_id   1
_entity_poly.type   'polypeptide(L)'
_entity_poly.pdbx_seq_one_letter_code
;MSGAAPNQALLRILKETELRKVKVLGSGAFGTVYKGIWIPDGENVKIPVAIKVLRENTSPKANKEILDEAYVMAYVMAGV
GSPYVSRLLGICLTSTVQLVTQLMPYGCLLDHVRENRGRLGSQDLLNWCMQIAKGMSYLEDVRLVHRDLAARNVLVKSPN
HVKITDFGLARLLDIDETEYHADGGKVPIKWMALESILRRRFTHQSDVWSYGVTVWELMTFGAKPYDGIPAREIPDLLEK
GERLPQPPICTIDVYMIMVKCWMIDSECRPRFRELVSEFSRMARDPQRFVVIQNEDLGPASPLDSTFYRSLLEDDDMGDL
VDAEEYLVPQQGAAASHHHHHH
;
_entity_poly.pdbx_strand_id   A
#
loop_
_chem_comp.id
_chem_comp.type
_chem_comp.name
_chem_comp.formula
A1AAC non-polymer Tucatinib 'C26 H24 N8 O2'
CL non-polymer 'CHLORIDE ION' 'Cl -1'
EDO non-polymer 1,2-ETHANEDIOL 'C2 H6 O2'
PEG non-polymer DI(HYDROXYETHYL)ETHER 'C4 H10 O3'
#
# COMPACT_ATOMS: atom_id res chain seq x y z
N ALA A 5 28.62 0.44 4.04
CA ALA A 5 27.60 -0.55 4.49
C ALA A 5 26.80 0.04 5.66
N PRO A 6 25.48 0.29 5.49
CA PRO A 6 24.64 0.78 6.59
C PRO A 6 24.65 -0.18 7.79
N ASN A 7 24.68 0.37 9.00
CA ASN A 7 24.62 -0.39 10.27
C ASN A 7 23.15 -0.57 10.67
N GLN A 8 22.65 -1.81 10.63
CA GLN A 8 21.19 -2.11 10.58
C GLN A 8 20.48 -1.63 11.87
N ALA A 9 21.18 -1.56 13.00
CA ALA A 9 20.61 -1.18 14.31
C ALA A 9 20.68 0.34 14.52
N LEU A 10 21.42 1.07 13.67
CA LEU A 10 21.51 2.54 13.77
C LEU A 10 20.45 3.19 12.88
N LEU A 11 20.16 4.45 13.17
CA LEU A 11 19.19 5.28 12.41
C LEU A 11 19.96 6.36 11.69
N ARG A 12 19.73 6.49 10.38
CA ARG A 12 20.34 7.58 9.61
C ARG A 12 19.53 8.86 9.81
N ILE A 13 20.18 9.87 10.39
CA ILE A 13 19.56 11.20 10.64
C ILE A 13 20.03 12.14 9.52
N LEU A 14 19.08 12.71 8.80
CA LEU A 14 19.35 13.70 7.73
C LEU A 14 19.19 15.09 8.35
N LYS A 15 20.20 15.94 8.19
CA LYS A 15 20.12 17.36 8.63
C LYS A 15 19.08 18.08 7.76
N GLU A 16 18.34 19.03 8.33
CA GLU A 16 17.32 19.80 7.57
C GLU A 16 17.99 20.49 6.36
N THR A 17 19.26 20.88 6.48
CA THR A 17 20.04 21.57 5.41
C THR A 17 20.33 20.62 4.23
N GLU A 18 20.21 19.30 4.42
CA GLU A 18 20.45 18.27 3.38
C GLU A 18 19.15 17.96 2.60
N LEU A 19 18.01 18.48 3.05
CA LEU A 19 16.67 18.19 2.45
C LEU A 19 16.04 19.49 1.97
N ARG A 20 15.37 19.43 0.82
CA ARG A 20 14.52 20.53 0.33
C ARG A 20 13.18 19.93 -0.11
N LYS A 21 12.07 20.46 0.42
CA LYS A 21 10.70 20.16 -0.07
C LYS A 21 10.47 20.99 -1.34
N VAL A 22 9.93 20.36 -2.39
CA VAL A 22 9.72 21.02 -3.72
C VAL A 22 8.21 21.15 -4.02
N LYS A 23 7.39 20.17 -3.62
CA LYS A 23 5.96 20.09 -4.02
C LYS A 23 5.22 19.26 -2.97
N VAL A 24 3.99 19.64 -2.64
CA VAL A 24 3.08 18.81 -1.79
C VAL A 24 2.50 17.73 -2.70
N LEU A 25 2.70 16.46 -2.36
CA LEU A 25 2.17 15.33 -3.18
C LEU A 25 0.76 14.96 -2.73
N GLY A 26 0.50 15.03 -1.42
CA GLY A 26 -0.83 14.72 -0.86
C GLY A 26 -0.75 14.58 0.65
N SER A 27 -1.80 14.10 1.27
CA SER A 27 -1.90 14.00 2.74
C SER A 27 -2.89 12.90 3.15
N GLY A 28 -2.82 12.52 4.41
CA GLY A 28 -3.73 11.59 5.08
C GLY A 28 -3.89 11.98 6.53
N ALA A 29 -4.54 11.12 7.33
CA ALA A 29 -4.86 11.39 8.75
C ALA A 29 -3.58 11.72 9.53
N PHE A 30 -2.47 11.05 9.23
CA PHE A 30 -1.28 11.02 10.12
C PHE A 30 -0.12 11.85 9.56
N GLY A 31 -0.19 12.37 8.34
CA GLY A 31 0.88 13.24 7.83
C GLY A 31 0.67 13.77 6.43
N THR A 32 1.61 14.60 6.00
CA THR A 32 1.66 15.26 4.68
C THR A 32 2.89 14.71 3.94
N VAL A 33 2.72 14.33 2.68
CA VAL A 33 3.83 13.79 1.83
C VAL A 33 4.25 14.87 0.85
N TYR A 34 5.56 15.17 0.82
CA TYR A 34 6.19 16.14 -0.09
C TYR A 34 7.13 15.40 -1.04
N LYS A 35 7.20 15.90 -2.28
CA LYS A 35 8.32 15.61 -3.20
C LYS A 35 9.48 16.48 -2.75
N GLY A 36 10.68 15.92 -2.69
CA GLY A 36 11.85 16.69 -2.26
C GLY A 36 13.13 16.21 -2.90
N ILE A 37 14.23 16.83 -2.50
CA ILE A 37 15.60 16.50 -2.94
C ILE A 37 16.45 16.33 -1.68
N TRP A 38 17.19 15.23 -1.65
CA TRP A 38 18.19 14.94 -0.59
C TRP A 38 19.59 15.11 -1.18
N ILE A 39 20.37 16.02 -0.62
CA ILE A 39 21.78 16.27 -1.04
C ILE A 39 22.65 15.99 0.18
N PRO A 40 23.13 14.73 0.34
CA PRO A 40 23.97 14.37 1.49
C PRO A 40 25.23 15.27 1.55
N ASP A 41 25.49 15.87 2.71
CA ASP A 41 26.70 16.71 2.99
C ASP A 41 27.95 15.88 2.67
N GLY A 42 28.97 16.53 2.11
CA GLY A 42 30.28 15.92 1.85
C GLY A 42 30.25 14.93 0.69
N GLU A 43 29.13 14.85 -0.03
CA GLU A 43 28.99 14.05 -1.27
C GLU A 43 28.66 15.00 -2.42
N ASN A 44 28.63 14.46 -3.63
CA ASN A 44 28.27 15.21 -4.86
C ASN A 44 27.13 14.47 -5.55
N VAL A 45 26.12 14.04 -4.79
CA VAL A 45 24.93 13.34 -5.36
C VAL A 45 23.65 14.06 -4.94
N LYS A 46 22.60 13.87 -5.71
CA LYS A 46 21.24 14.33 -5.34
C LYS A 46 20.29 13.16 -5.54
N ILE A 47 19.38 12.99 -4.58
CA ILE A 47 18.46 11.84 -4.54
C ILE A 47 17.05 12.40 -4.52
N PRO A 48 16.21 12.10 -5.54
CA PRO A 48 14.80 12.46 -5.48
C PRO A 48 14.14 11.65 -4.36
N VAL A 49 13.44 12.34 -3.45
CA VAL A 49 12.84 11.68 -2.25
C VAL A 49 11.39 12.11 -2.09
N ALA A 50 10.67 11.27 -1.36
CA ALA A 50 9.38 11.62 -0.75
C ALA A 50 9.63 11.77 0.74
N ILE A 51 9.02 12.80 1.31
CA ILE A 51 9.19 13.16 2.74
C ILE A 51 7.80 13.16 3.37
N LYS A 52 7.56 12.26 4.33
CA LYS A 52 6.29 12.28 5.08
C LYS A 52 6.55 12.99 6.41
N VAL A 53 5.85 14.10 6.63
CA VAL A 53 5.93 14.89 7.88
C VAL A 53 4.77 14.45 8.76
N LEU A 54 5.05 13.87 9.92
CA LEU A 54 3.99 13.46 10.88
C LEU A 54 3.28 14.73 11.38
N ARG A 55 1.96 14.66 11.49
CA ARG A 55 1.08 15.81 11.82
C ARG A 55 1.41 16.30 13.25
N GLU A 56 1.61 17.61 13.41
CA GLU A 56 2.11 18.22 14.68
C GLU A 56 1.03 18.19 15.76
N ASN A 57 -0.25 18.34 15.38
CA ASN A 57 -1.39 18.48 16.32
C ASN A 57 -2.09 17.12 16.52
N THR A 58 -1.49 16.02 16.05
CA THR A 58 -1.90 14.64 16.41
C THR A 58 -1.58 14.44 17.90
N SER A 59 -2.40 13.66 18.60
CA SER A 59 -2.16 13.26 20.02
C SER A 59 -0.77 12.63 20.14
N PRO A 60 0.02 12.96 21.20
CA PRO A 60 1.34 12.36 21.36
C PRO A 60 1.27 10.83 21.54
N LYS A 61 0.19 10.31 22.12
CA LYS A 61 -0.03 8.84 22.25
C LYS A 61 -0.07 8.22 20.84
N ALA A 62 -0.85 8.84 19.94
CA ALA A 62 -1.02 8.39 18.55
C ALA A 62 0.32 8.47 17.81
N ASN A 63 1.05 9.57 17.93
CA ASN A 63 2.31 9.77 17.16
C ASN A 63 3.38 8.80 17.68
N LYS A 64 3.38 8.47 18.97
CA LYS A 64 4.32 7.46 19.53
C LYS A 64 3.96 6.10 18.95
N GLU A 65 2.68 5.72 18.94
CA GLU A 65 2.22 4.41 18.39
C GLU A 65 2.69 4.28 16.94
N ILE A 66 2.49 5.32 16.13
CA ILE A 66 2.80 5.34 14.68
C ILE A 66 4.32 5.23 14.50
N LEU A 67 5.10 6.08 15.17
CA LEU A 67 6.57 6.14 14.95
C LEU A 67 7.23 4.87 15.49
N ASP A 68 6.79 4.38 16.67
CA ASP A 68 7.33 3.13 17.26
C ASP A 68 7.15 2.00 16.25
N GLU A 69 5.95 1.87 15.66
CA GLU A 69 5.67 0.81 14.66
C GLU A 69 6.59 1.02 13.44
N ALA A 70 6.78 2.27 13.01
CA ALA A 70 7.65 2.57 11.89
C ALA A 70 9.08 2.10 12.17
N TYR A 71 9.57 2.35 13.40
CA TYR A 71 10.90 1.92 13.78
C TYR A 71 10.99 0.39 13.79
N VAL A 72 10.03 -0.28 14.42
CA VAL A 72 10.04 -1.74 14.53
C VAL A 72 10.16 -2.33 13.13
N MET A 73 9.35 -1.82 12.19
CA MET A 73 9.36 -2.36 10.85
C MET A 73 10.66 -2.03 10.13
N ALA A 74 11.18 -0.82 10.36
CA ALA A 74 12.42 -0.37 9.73
C ALA A 74 13.58 -1.29 10.13
N TYR A 75 13.65 -1.72 11.39
CA TYR A 75 14.76 -2.57 11.89
C TYR A 75 14.53 -4.01 11.42
N VAL A 76 13.29 -4.50 11.41
CA VAL A 76 12.91 -5.84 10.86
C VAL A 76 13.36 -5.92 9.39
N MET A 77 13.20 -4.83 8.64
CA MET A 77 13.40 -4.81 7.18
C MET A 77 14.81 -4.35 6.79
N ALA A 78 15.59 -3.82 7.74
N ALA A 78 15.57 -3.79 7.72
CA ALA A 78 16.99 -3.38 7.52
CA ALA A 78 16.98 -3.39 7.53
C ALA A 78 17.87 -4.56 7.12
C ALA A 78 17.82 -4.63 7.26
N GLY A 79 17.72 -5.70 7.81
N GLY A 79 18.85 -4.51 6.41
CA GLY A 79 18.50 -6.94 7.58
CA GLY A 79 19.67 -5.63 5.93
C GLY A 79 18.43 -7.38 6.13
C GLY A 79 19.05 -6.27 4.70
N VAL A 80 17.25 -7.26 5.51
N VAL A 80 17.89 -6.93 4.87
CA VAL A 80 17.00 -7.56 4.08
CA VAL A 80 17.17 -7.62 3.76
C VAL A 80 15.62 -7.01 3.71
C VAL A 80 15.74 -7.06 3.66
N GLY A 81 15.53 -6.22 2.63
CA GLY A 81 14.24 -5.67 2.22
C GLY A 81 13.64 -6.50 1.11
N SER A 82 12.71 -5.90 0.40
CA SER A 82 12.07 -6.42 -0.82
C SER A 82 12.11 -5.32 -1.86
N PRO A 83 12.34 -5.63 -3.15
CA PRO A 83 12.20 -4.64 -4.21
C PRO A 83 10.78 -4.05 -4.27
N TYR A 84 9.80 -4.74 -3.70
CA TYR A 84 8.35 -4.43 -3.90
C TYR A 84 7.76 -3.82 -2.63
N VAL A 85 8.61 -3.38 -1.70
CA VAL A 85 8.16 -2.70 -0.45
C VAL A 85 9.05 -1.48 -0.25
N SER A 86 8.44 -0.33 0.03
N SER A 86 8.42 -0.34 0.06
CA SER A 86 9.19 0.95 0.22
CA SER A 86 9.12 0.95 0.33
C SER A 86 10.17 0.78 1.39
C SER A 86 10.17 0.77 1.41
N ARG A 87 11.31 1.45 1.27
CA ARG A 87 12.48 1.35 2.19
C ARG A 87 12.72 2.73 2.81
N LEU A 88 12.80 2.80 4.13
CA LEU A 88 13.18 4.04 4.84
C LEU A 88 14.65 4.36 4.56
N LEU A 89 14.95 5.55 4.05
CA LEU A 89 16.33 6.02 3.82
C LEU A 89 16.88 6.69 5.08
N GLY A 90 16.01 7.34 5.86
CA GLY A 90 16.45 8.12 7.02
C GLY A 90 15.32 8.98 7.53
N ILE A 91 15.58 9.68 8.63
N ILE A 91 15.62 9.75 8.56
CA ILE A 91 14.60 10.64 9.22
CA ILE A 91 14.65 10.63 9.25
C ILE A 91 15.30 11.98 9.40
C ILE A 91 15.29 11.99 9.47
N CYS A 92 14.52 13.06 9.29
CA CYS A 92 14.95 14.43 9.58
C CYS A 92 14.13 14.89 10.77
N LEU A 93 14.80 15.38 11.82
CA LEU A 93 14.13 15.90 13.04
C LEU A 93 14.33 17.41 13.09
N THR A 94 13.22 18.14 13.05
CA THR A 94 13.13 19.59 13.28
C THR A 94 12.20 19.74 14.49
N SER A 95 11.20 20.63 14.43
CA SER A 95 10.03 20.59 15.34
C SER A 95 9.16 19.38 14.99
N THR A 96 9.36 18.81 13.78
CA THR A 96 8.52 17.72 13.23
C THR A 96 9.40 16.48 12.96
N VAL A 97 8.76 15.32 12.87
CA VAL A 97 9.38 14.05 12.40
C VAL A 97 9.15 13.96 10.91
N GLN A 98 10.22 13.82 10.14
CA GLN A 98 10.15 13.73 8.66
C GLN A 98 10.78 12.40 8.25
N LEU A 99 9.97 11.51 7.70
CA LEU A 99 10.42 10.19 7.23
C LEU A 99 10.71 10.31 5.75
N VAL A 100 11.84 9.76 5.31
CA VAL A 100 12.37 9.99 3.93
C VAL A 100 12.51 8.65 3.23
N THR A 101 11.93 8.52 2.04
N THR A 101 12.06 8.60 1.98
CA THR A 101 12.12 7.35 1.13
CA THR A 101 12.11 7.40 1.11
C THR A 101 12.49 7.84 -0.27
C THR A 101 12.43 7.84 -0.31
N GLN A 102 12.94 6.94 -1.14
CA GLN A 102 13.19 7.26 -2.56
C GLN A 102 11.85 7.65 -3.21
N LEU A 103 11.85 8.72 -3.99
CA LEU A 103 10.66 9.13 -4.76
C LEU A 103 10.34 8.07 -5.81
N MET A 104 9.08 7.69 -5.90
CA MET A 104 8.57 6.81 -6.98
C MET A 104 7.97 7.71 -8.05
N PRO A 105 8.70 7.97 -9.15
CA PRO A 105 8.39 9.11 -10.00
C PRO A 105 7.09 9.01 -10.80
N TYR A 106 6.46 7.84 -10.88
CA TYR A 106 5.14 7.70 -11.54
C TYR A 106 4.01 7.77 -10.51
N GLY A 107 4.34 8.01 -9.24
CA GLY A 107 3.35 8.34 -8.20
C GLY A 107 2.55 7.13 -7.75
N CYS A 108 1.31 7.40 -7.32
N CYS A 108 1.35 7.34 -7.23
CA CYS A 108 0.36 6.38 -6.79
CA CYS A 108 0.60 6.19 -6.67
C CYS A 108 -0.14 5.51 -7.95
C CYS A 108 -0.18 5.52 -7.81
N LEU A 109 -0.22 4.19 -7.74
CA LEU A 109 -0.73 3.29 -8.80
C LEU A 109 -2.18 3.66 -9.12
N LEU A 110 -2.99 4.04 -8.14
CA LEU A 110 -4.38 4.45 -8.42
C LEU A 110 -4.39 5.60 -9.43
N ASP A 111 -3.55 6.62 -9.22
CA ASP A 111 -3.51 7.79 -10.13
C ASP A 111 -2.98 7.35 -11.49
N HIS A 112 -1.97 6.48 -11.50
CA HIS A 112 -1.33 5.97 -12.74
C HIS A 112 -2.37 5.27 -13.61
N VAL A 113 -3.22 4.41 -13.04
CA VAL A 113 -4.21 3.65 -13.85
C VAL A 113 -5.35 4.58 -14.27
N ARG A 114 -5.75 5.55 -13.44
CA ARG A 114 -6.84 6.49 -13.79
C ARG A 114 -6.37 7.43 -14.91
N GLU A 115 -5.11 7.88 -14.87
CA GLU A 115 -4.53 8.82 -15.86
C GLU A 115 -4.34 8.11 -17.20
N ASN A 116 -4.09 6.80 -17.17
CA ASN A 116 -3.76 5.99 -18.38
C ASN A 116 -4.88 4.98 -18.66
N ARG A 117 -6.10 5.27 -18.22
N ARG A 117 -6.12 5.28 -18.28
CA ARG A 117 -7.32 4.43 -18.40
CA ARG A 117 -7.27 4.34 -18.36
C ARG A 117 -7.26 3.73 -19.76
C ARG A 117 -7.39 3.76 -19.78
N GLY A 118 -6.96 4.50 -20.81
CA GLY A 118 -6.89 4.01 -22.20
C GLY A 118 -5.75 3.03 -22.42
N ARG A 119 -4.50 3.47 -22.22
CA ARG A 119 -3.29 2.96 -22.92
C ARG A 119 -2.42 2.05 -22.04
N LEU A 120 -2.95 1.41 -20.99
CA LEU A 120 -2.14 0.46 -20.18
C LEU A 120 -2.18 -0.93 -20.81
N GLY A 121 -1.09 -1.68 -20.67
CA GLY A 121 -0.91 -3.01 -21.26
C GLY A 121 -1.38 -4.12 -20.33
N SER A 122 -1.93 -5.20 -20.91
CA SER A 122 -2.41 -6.40 -20.18
C SER A 122 -1.25 -6.99 -19.38
N GLN A 123 -0.08 -7.12 -19.99
CA GLN A 123 1.09 -7.76 -19.31
C GLN A 123 1.52 -6.91 -18.11
N ASP A 124 1.49 -5.58 -18.25
CA ASP A 124 1.89 -4.66 -17.15
C ASP A 124 0.91 -4.83 -15.98
N LEU A 125 -0.39 -4.84 -16.25
CA LEU A 125 -1.41 -4.97 -15.17
C LEU A 125 -1.15 -6.26 -14.40
N LEU A 126 -0.94 -7.37 -15.10
CA LEU A 126 -0.73 -8.69 -14.43
C LEU A 126 0.60 -8.69 -13.68
N ASN A 127 1.63 -8.08 -14.26
N ASN A 127 1.64 -8.09 -14.26
CA ASN A 127 2.97 -7.99 -13.62
CA ASN A 127 2.98 -7.98 -13.62
C ASN A 127 2.84 -7.21 -12.30
C ASN A 127 2.83 -7.21 -12.30
N TRP A 128 2.08 -6.12 -12.30
CA TRP A 128 1.85 -5.31 -11.07
C TRP A 128 1.11 -6.16 -10.02
N CYS A 129 0.09 -6.91 -10.43
CA CYS A 129 -0.61 -7.83 -9.50
C CYS A 129 0.42 -8.80 -8.88
N MET A 130 1.32 -9.34 -9.69
CA MET A 130 2.36 -10.28 -9.18
C MET A 130 3.27 -9.56 -8.19
N GLN A 131 3.75 -8.37 -8.53
CA GLN A 131 4.73 -7.63 -7.70
C GLN A 131 4.07 -7.24 -6.37
N ILE A 132 2.82 -6.82 -6.42
CA ILE A 132 2.10 -6.48 -5.16
C ILE A 132 2.01 -7.76 -4.31
N ALA A 133 1.69 -8.90 -4.91
CA ALA A 133 1.64 -10.19 -4.16
C ALA A 133 3.02 -10.51 -3.57
N LYS A 134 4.10 -10.24 -4.31
CA LYS A 134 5.49 -10.51 -3.81
C LYS A 134 5.77 -9.60 -2.61
N GLY A 135 5.42 -8.31 -2.68
CA GLY A 135 5.61 -7.39 -1.55
C GLY A 135 4.83 -7.85 -0.34
N MET A 136 3.58 -8.27 -0.55
CA MET A 136 2.73 -8.74 0.57
C MET A 136 3.27 -10.05 1.14
N SER A 137 3.80 -10.94 0.30
N SER A 137 3.76 -10.96 0.29
CA SER A 137 4.39 -12.24 0.73
CA SER A 137 4.41 -12.23 0.73
C SER A 137 5.63 -11.96 1.60
C SER A 137 5.58 -11.88 1.67
N TYR A 138 6.41 -10.93 1.26
CA TYR A 138 7.56 -10.45 2.07
C TYR A 138 7.05 -9.97 3.44
N LEU A 139 6.02 -9.11 3.45
CA LEU A 139 5.48 -8.56 4.73
C LEU A 139 5.01 -9.74 5.59
N GLU A 140 4.32 -10.71 5.01
CA GLU A 140 3.83 -11.88 5.78
C GLU A 140 5.04 -12.66 6.34
N ASP A 141 6.08 -12.82 5.53
CA ASP A 141 7.29 -13.60 5.90
C ASP A 141 8.02 -12.95 7.08
N VAL A 142 7.98 -11.63 7.20
CA VAL A 142 8.62 -10.89 8.33
C VAL A 142 7.55 -10.53 9.38
N ARG A 143 6.36 -11.14 9.28
CA ARG A 143 5.27 -11.12 10.30
C ARG A 143 4.70 -9.71 10.45
N LEU A 144 4.57 -8.98 9.34
CA LEU A 144 3.98 -7.62 9.33
C LEU A 144 2.66 -7.66 8.56
N VAL A 145 1.59 -7.18 9.20
CA VAL A 145 0.26 -7.01 8.57
C VAL A 145 0.19 -5.58 8.01
N HIS A 146 -0.25 -5.44 6.78
CA HIS A 146 -0.35 -4.12 6.12
C HIS A 146 -1.44 -3.28 6.79
N ARG A 147 -2.68 -3.81 6.80
CA ARG A 147 -3.90 -3.25 7.42
C ARG A 147 -4.59 -2.20 6.53
N ASP A 148 -3.98 -1.74 5.44
CA ASP A 148 -4.63 -0.72 4.57
C ASP A 148 -4.16 -0.86 3.13
N LEU A 149 -4.08 -2.09 2.62
CA LEU A 149 -3.67 -2.27 1.21
C LEU A 149 -4.78 -1.76 0.31
N ALA A 150 -4.40 -1.00 -0.70
CA ALA A 150 -5.31 -0.35 -1.66
C ALA A 150 -4.44 0.20 -2.80
N ALA A 151 -5.03 0.47 -3.96
CA ALA A 151 -4.24 0.98 -5.10
C ALA A 151 -3.61 2.33 -4.73
N ARG A 152 -4.22 3.11 -3.84
CA ARG A 152 -3.62 4.40 -3.40
C ARG A 152 -2.30 4.16 -2.64
N ASN A 153 -2.09 2.95 -2.08
CA ASN A 153 -0.92 2.64 -1.22
C ASN A 153 0.04 1.70 -1.95
N VAL A 154 -0.04 1.70 -3.28
CA VAL A 154 0.99 1.11 -4.15
C VAL A 154 1.58 2.26 -4.97
N LEU A 155 2.90 2.28 -5.10
CA LEU A 155 3.63 3.36 -5.81
C LEU A 155 4.26 2.76 -7.06
N VAL A 156 4.43 3.62 -8.06
CA VAL A 156 4.98 3.21 -9.38
C VAL A 156 6.38 3.82 -9.54
N LYS A 157 7.42 2.98 -9.43
CA LYS A 157 8.80 3.41 -9.73
C LYS A 157 8.91 3.62 -11.24
N SER A 158 8.39 2.67 -12.00
CA SER A 158 8.40 2.66 -13.49
C SER A 158 7.30 1.72 -13.94
N PRO A 159 6.92 1.70 -15.23
CA PRO A 159 5.96 0.70 -15.70
C PRO A 159 6.39 -0.74 -15.39
N ASN A 160 7.70 -0.94 -15.13
CA ASN A 160 8.32 -2.26 -14.85
C ASN A 160 8.23 -2.64 -13.37
N HIS A 161 7.86 -1.72 -12.48
CA HIS A 161 8.23 -1.87 -11.05
C HIS A 161 7.31 -1.05 -10.15
N VAL A 162 6.54 -1.73 -9.29
CA VAL A 162 5.70 -1.07 -8.25
C VAL A 162 6.19 -1.48 -6.86
N LYS A 163 5.83 -0.67 -5.86
CA LYS A 163 6.19 -0.93 -4.45
C LYS A 163 4.98 -0.66 -3.57
N ILE A 164 4.78 -1.50 -2.57
CA ILE A 164 3.76 -1.25 -1.52
C ILE A 164 4.33 -0.24 -0.53
N THR A 165 3.48 0.66 -0.04
CA THR A 165 3.87 1.60 1.04
C THR A 165 2.71 1.72 2.04
N ASP A 166 2.92 2.52 3.09
CA ASP A 166 1.88 2.85 4.10
C ASP A 166 1.39 1.55 4.77
N PHE A 167 2.27 0.56 4.89
CA PHE A 167 2.02 -0.69 5.65
C PHE A 167 2.25 -0.43 7.14
N GLY A 168 1.49 -1.12 8.00
CA GLY A 168 1.60 -1.01 9.46
C GLY A 168 1.42 0.43 9.93
N LEU A 169 0.54 1.17 9.28
CA LEU A 169 0.29 2.61 9.57
C LEU A 169 -1.11 2.78 10.16
N ALA A 170 -2.14 2.32 9.44
CA ALA A 170 -3.55 2.55 9.76
C ALA A 170 -3.84 2.08 11.19
N ARG A 171 -4.48 2.93 12.00
CA ARG A 171 -4.87 2.59 13.38
C ARG A 171 -5.93 3.59 13.84
N LEU A 172 -6.62 3.24 14.92
CA LEU A 172 -7.53 4.18 15.62
C LEU A 172 -6.68 5.35 16.14
N LEU A 173 -7.16 6.58 15.97
CA LEU A 173 -6.51 7.82 16.44
C LEU A 173 -6.92 8.06 17.91
N ASP A 174 -5.97 8.05 18.83
CA ASP A 174 -6.21 8.49 20.23
C ASP A 174 -6.62 9.98 20.18
N ILE A 175 -7.69 10.37 20.87
CA ILE A 175 -8.16 11.78 20.87
C ILE A 175 -8.44 12.25 22.32
N ASP A 176 -8.62 13.56 22.48
CA ASP A 176 -8.82 14.27 23.77
C ASP A 176 -10.05 15.18 23.67
N GLU A 177 -10.64 15.52 24.82
CA GLU A 177 -11.84 16.39 24.93
C GLU A 177 -11.59 17.77 24.31
N THR A 178 -10.38 18.34 24.44
CA THR A 178 -10.11 19.75 24.05
C THR A 178 -8.84 19.89 23.19
N GLU A 179 -7.78 19.13 23.45
CA GLU A 179 -6.46 19.29 22.78
C GLU A 179 -6.36 18.36 21.57
N TYR A 180 -5.53 18.73 20.58
CA TYR A 180 -5.19 17.96 19.36
C TYR A 180 -6.39 17.93 18.40
N HIS A 181 -6.18 17.38 17.19
CA HIS A 181 -7.25 17.12 16.20
C HIS A 181 -7.96 15.82 16.56
N ALA A 182 -9.23 15.67 16.16
CA ALA A 182 -10.08 14.48 16.39
C ALA A 182 -10.47 13.85 15.04
N ASP A 183 -9.72 14.16 13.97
CA ASP A 183 -9.96 13.68 12.59
C ASP A 183 -9.22 12.36 12.39
N GLY A 184 -9.82 11.25 12.86
CA GLY A 184 -9.33 9.88 12.62
C GLY A 184 -9.46 9.49 11.16
N GLY A 185 -10.24 10.25 10.39
CA GLY A 185 -10.54 9.97 8.98
C GLY A 185 -11.62 8.92 8.84
N LYS A 186 -12.03 8.63 7.59
CA LYS A 186 -13.05 7.59 7.29
C LYS A 186 -12.38 6.22 7.35
N VAL A 187 -13.06 5.25 7.96
CA VAL A 187 -12.66 3.81 7.96
C VAL A 187 -12.78 3.33 6.51
N PRO A 188 -11.75 2.68 5.91
CA PRO A 188 -11.82 2.20 4.53
C PRO A 188 -12.63 0.90 4.41
N ILE A 189 -13.90 1.00 4.82
CA ILE A 189 -14.87 -0.13 4.90
C ILE A 189 -14.82 -0.92 3.59
N LYS A 190 -14.74 -0.24 2.45
CA LYS A 190 -14.97 -0.89 1.13
C LYS A 190 -13.74 -1.68 0.69
N TRP A 191 -12.63 -1.63 1.45
CA TRP A 191 -11.42 -2.45 1.20
C TRP A 191 -11.30 -3.57 2.24
N MET A 192 -12.12 -3.55 3.29
CA MET A 192 -11.87 -4.36 4.51
C MET A 192 -12.57 -5.72 4.43
N ALA A 193 -11.89 -6.75 4.93
CA ALA A 193 -12.49 -8.07 5.17
C ALA A 193 -13.67 -7.91 6.15
N LEU A 194 -14.67 -8.76 6.03
CA LEU A 194 -15.86 -8.67 6.92
C LEU A 194 -15.42 -8.71 8.39
N GLU A 195 -14.46 -9.56 8.75
CA GLU A 195 -14.03 -9.72 10.18
C GLU A 195 -13.34 -8.44 10.67
N SER A 196 -12.73 -7.68 9.78
CA SER A 196 -12.12 -6.37 10.12
C SER A 196 -13.23 -5.35 10.41
N ILE A 197 -14.31 -5.38 9.62
CA ILE A 197 -15.47 -4.48 9.82
C ILE A 197 -16.16 -4.86 11.14
N LEU A 198 -16.42 -6.16 11.35
CA LEU A 198 -17.29 -6.64 12.45
C LEU A 198 -16.52 -6.66 13.78
N ARG A 199 -15.23 -7.01 13.77
CA ARG A 199 -14.48 -7.34 15.01
C ARG A 199 -13.15 -6.57 15.11
N ARG A 200 -12.83 -5.71 14.13
CA ARG A 200 -11.53 -4.97 14.06
C ARG A 200 -10.38 -5.99 14.11
N ARG A 201 -10.58 -7.16 13.50
CA ARG A 201 -9.55 -8.23 13.34
C ARG A 201 -8.77 -7.95 12.05
N PHE A 202 -7.47 -7.67 12.16
CA PHE A 202 -6.56 -7.45 11.01
C PHE A 202 -5.45 -8.50 11.06
N THR A 203 -5.36 -9.30 10.00
CA THR A 203 -4.44 -10.45 9.87
C THR A 203 -3.86 -10.47 8.46
N HIS A 204 -2.94 -11.40 8.18
CA HIS A 204 -2.45 -11.60 6.79
C HIS A 204 -3.66 -11.98 5.91
N GLN A 205 -4.65 -12.69 6.45
CA GLN A 205 -5.78 -13.15 5.62
C GLN A 205 -6.76 -11.98 5.37
N SER A 206 -6.87 -11.00 6.24
CA SER A 206 -7.67 -9.78 5.91
C SER A 206 -6.89 -8.96 4.88
N ASP A 207 -5.55 -8.97 4.92
CA ASP A 207 -4.74 -8.32 3.86
C ASP A 207 -5.05 -8.96 2.50
N VAL A 208 -5.27 -10.26 2.46
CA VAL A 208 -5.59 -10.97 1.19
C VAL A 208 -6.91 -10.42 0.63
N TRP A 209 -7.91 -10.18 1.47
CA TRP A 209 -9.18 -9.58 1.02
C TRP A 209 -8.88 -8.23 0.35
N SER A 210 -8.13 -7.38 1.03
CA SER A 210 -7.80 -6.03 0.53
C SER A 210 -6.99 -6.15 -0.77
N TYR A 211 -6.11 -7.13 -0.86
CA TYR A 211 -5.37 -7.43 -2.12
C TYR A 211 -6.39 -7.67 -3.25
N GLY A 212 -7.42 -8.47 -3.00
CA GLY A 212 -8.47 -8.72 -4.01
C GLY A 212 -9.09 -7.42 -4.48
N VAL A 213 -9.44 -6.53 -3.55
CA VAL A 213 -10.03 -5.21 -3.92
C VAL A 213 -9.01 -4.40 -4.71
N THR A 214 -7.74 -4.44 -4.31
CA THR A 214 -6.66 -3.70 -5.02
C THR A 214 -6.56 -4.20 -6.47
N VAL A 215 -6.56 -5.51 -6.70
CA VAL A 215 -6.51 -6.09 -8.08
C VAL A 215 -7.74 -5.60 -8.87
N TRP A 216 -8.90 -5.58 -8.22
CA TRP A 216 -10.15 -5.08 -8.87
C TRP A 216 -9.96 -3.61 -9.27
N GLU A 217 -9.39 -2.78 -8.40
CA GLU A 217 -9.12 -1.37 -8.73
C GLU A 217 -8.22 -1.31 -9.98
N LEU A 218 -7.18 -2.12 -10.04
CA LEU A 218 -6.22 -2.04 -11.18
C LEU A 218 -6.95 -2.45 -12.46
N MET A 219 -7.71 -3.54 -12.40
CA MET A 219 -8.30 -4.16 -13.62
C MET A 219 -9.48 -3.33 -14.13
N THR A 220 -10.00 -2.41 -13.31
CA THR A 220 -11.09 -1.47 -13.70
C THR A 220 -10.52 -0.09 -14.01
N PHE A 221 -9.18 0.04 -14.03
CA PHE A 221 -8.48 1.32 -14.26
C PHE A 221 -8.93 2.34 -13.20
N GLY A 222 -9.06 1.88 -11.96
CA GLY A 222 -9.24 2.74 -10.79
C GLY A 222 -10.69 3.11 -10.53
N ALA A 223 -11.63 2.22 -10.84
CA ALA A 223 -13.04 2.39 -10.41
C ALA A 223 -13.09 2.39 -8.87
N LYS A 224 -14.11 3.03 -8.31
CA LYS A 224 -14.31 3.11 -6.85
C LYS A 224 -15.14 1.90 -6.43
N PRO A 225 -14.63 1.03 -5.53
CA PRO A 225 -15.39 -0.16 -5.14
C PRO A 225 -16.68 0.21 -4.41
N TYR A 226 -17.78 -0.45 -4.79
CA TYR A 226 -19.13 -0.27 -4.20
C TYR A 226 -19.52 1.21 -4.26
N ASP A 227 -19.19 1.88 -5.37
CA ASP A 227 -19.46 3.33 -5.56
C ASP A 227 -20.96 3.58 -5.36
N GLY A 228 -21.31 4.56 -4.53
CA GLY A 228 -22.70 5.00 -4.33
C GLY A 228 -23.44 4.19 -3.29
N ILE A 229 -22.83 3.16 -2.72
CA ILE A 229 -23.46 2.32 -1.66
C ILE A 229 -23.02 2.87 -0.31
N PRO A 230 -23.97 3.27 0.57
CA PRO A 230 -23.62 3.74 1.90
C PRO A 230 -22.81 2.68 2.68
N ALA A 231 -21.78 3.14 3.40
CA ALA A 231 -20.87 2.28 4.19
C ALA A 231 -21.69 1.37 5.13
N ARG A 232 -22.80 1.86 5.69
CA ARG A 232 -23.59 1.07 6.68
C ARG A 232 -24.15 -0.21 6.03
N GLU A 233 -24.35 -0.22 4.70
CA GLU A 233 -24.97 -1.35 3.97
C GLU A 233 -23.93 -2.43 3.62
N ILE A 234 -22.64 -2.15 3.74
CA ILE A 234 -21.58 -3.05 3.20
C ILE A 234 -21.59 -4.40 3.92
N PRO A 235 -21.53 -4.49 5.27
CA PRO A 235 -21.44 -5.81 5.91
C PRO A 235 -22.63 -6.72 5.53
N ASP A 236 -23.84 -6.19 5.49
CA ASP A 236 -25.05 -7.00 5.16
C ASP A 236 -24.96 -7.49 3.71
N LEU A 237 -24.51 -6.66 2.76
CA LEU A 237 -24.44 -7.13 1.35
C LEU A 237 -23.34 -8.18 1.21
N LEU A 238 -22.25 -8.07 1.96
CA LEU A 238 -21.18 -9.09 1.90
C LEU A 238 -21.71 -10.40 2.45
N GLU A 239 -22.43 -10.38 3.56
CA GLU A 239 -22.96 -11.62 4.17
C GLU A 239 -24.00 -12.27 3.23
N LYS A 240 -24.71 -11.49 2.43
N LYS A 240 -24.71 -11.46 2.47
CA LYS A 240 -25.72 -11.99 1.46
CA LYS A 240 -25.70 -11.91 1.45
C LYS A 240 -25.04 -12.53 0.20
C LYS A 240 -24.98 -12.66 0.33
N GLY A 241 -23.75 -12.28 0.03
CA GLY A 241 -22.92 -12.89 -1.04
C GLY A 241 -22.70 -11.94 -2.20
N GLU A 242 -23.14 -10.68 -2.10
CA GLU A 242 -22.89 -9.68 -3.16
C GLU A 242 -21.40 -9.31 -3.15
N ARG A 243 -20.83 -9.17 -4.34
CA ARG A 243 -19.40 -8.83 -4.53
C ARG A 243 -19.24 -7.86 -5.68
N LEU A 244 -18.08 -7.21 -5.71
CA LEU A 244 -17.66 -6.39 -6.86
C LEU A 244 -17.77 -7.23 -8.12
N PRO A 245 -18.24 -6.64 -9.23
CA PRO A 245 -18.43 -7.38 -10.48
C PRO A 245 -17.12 -7.69 -11.20
N GLN A 246 -17.16 -8.63 -12.14
CA GLN A 246 -15.97 -9.01 -12.92
C GLN A 246 -15.52 -7.80 -13.74
N PRO A 247 -14.24 -7.36 -13.64
CA PRO A 247 -13.74 -6.32 -14.54
C PRO A 247 -13.86 -6.76 -15.99
N PRO A 248 -14.43 -5.92 -16.89
CA PRO A 248 -14.58 -6.26 -18.30
C PRO A 248 -13.35 -6.85 -18.99
N ILE A 249 -12.14 -6.38 -18.66
CA ILE A 249 -10.91 -6.83 -19.38
C ILE A 249 -10.48 -8.23 -18.90
N CYS A 250 -10.99 -8.71 -17.76
CA CYS A 250 -10.54 -9.98 -17.13
C CYS A 250 -11.25 -11.18 -17.72
N THR A 251 -10.55 -12.31 -17.76
CA THR A 251 -11.14 -13.65 -17.92
C THR A 251 -11.66 -14.12 -16.57
N ILE A 252 -12.53 -15.13 -16.58
CA ILE A 252 -13.08 -15.71 -15.33
C ILE A 252 -11.93 -16.21 -14.43
N ASP A 253 -10.80 -16.64 -15.01
CA ASP A 253 -9.65 -17.18 -14.24
C ASP A 253 -9.16 -16.12 -13.25
N VAL A 254 -9.07 -14.88 -13.70
CA VAL A 254 -8.59 -13.75 -12.85
C VAL A 254 -9.68 -13.45 -11.81
N TYR A 255 -10.93 -13.36 -12.23
CA TYR A 255 -12.05 -13.01 -11.32
C TYR A 255 -12.20 -14.09 -10.24
N MET A 256 -12.00 -15.37 -10.60
CA MET A 256 -12.11 -16.46 -9.60
C MET A 256 -11.11 -16.22 -8.46
N ILE A 257 -9.92 -15.72 -8.76
CA ILE A 257 -8.91 -15.42 -7.70
C ILE A 257 -9.45 -14.28 -6.83
N MET A 258 -9.94 -13.21 -7.44
CA MET A 258 -10.51 -12.07 -6.68
C MET A 258 -11.61 -12.58 -5.76
N VAL A 259 -12.53 -13.38 -6.29
CA VAL A 259 -13.69 -13.86 -5.49
C VAL A 259 -13.20 -14.71 -4.31
N LYS A 260 -12.16 -15.53 -4.52
N LYS A 260 -12.15 -15.52 -4.51
CA LYS A 260 -11.56 -16.37 -3.44
CA LYS A 260 -11.60 -16.36 -3.41
C LYS A 260 -10.97 -15.45 -2.34
C LYS A 260 -11.02 -15.42 -2.34
N CYS A 261 -10.44 -14.30 -2.71
CA CYS A 261 -9.89 -13.31 -1.74
C CYS A 261 -11.01 -12.77 -0.83
N TRP A 262 -12.25 -12.80 -1.30
CA TRP A 262 -13.42 -12.19 -0.60
C TRP A 262 -14.27 -13.28 0.06
N MET A 263 -13.73 -14.48 0.26
CA MET A 263 -14.48 -15.50 1.04
C MET A 263 -14.67 -15.00 2.46
N ILE A 264 -15.86 -15.18 3.02
CA ILE A 264 -16.14 -14.80 4.42
C ILE A 264 -15.26 -15.66 5.35
N ASP A 265 -15.11 -16.94 5.04
CA ASP A 265 -14.20 -17.84 5.77
C ASP A 265 -12.76 -17.49 5.37
N SER A 266 -12.02 -16.83 6.26
CA SER A 266 -10.66 -16.32 5.98
C SER A 266 -9.73 -17.49 5.62
N GLU A 267 -10.02 -18.70 6.10
CA GLU A 267 -9.18 -19.90 5.85
C GLU A 267 -9.38 -20.43 4.42
N CYS A 268 -10.39 -19.94 3.69
CA CYS A 268 -10.67 -20.34 2.29
C CYS A 268 -10.06 -19.35 1.31
N ARG A 269 -9.48 -18.26 1.80
CA ARG A 269 -8.83 -17.25 0.93
C ARG A 269 -7.47 -17.78 0.47
N PRO A 270 -6.97 -17.31 -0.68
CA PRO A 270 -5.63 -17.69 -1.13
C PRO A 270 -4.56 -17.21 -0.15
N ARG A 271 -3.40 -17.86 -0.20
CA ARG A 271 -2.17 -17.40 0.48
C ARG A 271 -1.43 -16.47 -0.47
N PHE A 272 -0.70 -15.50 0.06
CA PHE A 272 0.10 -14.58 -0.79
C PHE A 272 1.08 -15.36 -1.67
N ARG A 273 1.70 -16.43 -1.17
CA ARG A 273 2.63 -17.21 -2.03
C ARG A 273 1.88 -17.81 -3.22
N GLU A 274 0.62 -18.23 -3.03
CA GLU A 274 -0.21 -18.79 -4.12
C GLU A 274 -0.54 -17.67 -5.12
N LEU A 275 -0.82 -16.48 -4.61
CA LEU A 275 -1.16 -15.33 -5.48
C LEU A 275 0.07 -14.96 -6.32
N VAL A 276 1.27 -15.05 -5.75
CA VAL A 276 2.51 -14.79 -6.52
C VAL A 276 2.59 -15.79 -7.68
N SER A 277 2.39 -17.08 -7.40
N SER A 277 2.42 -17.08 -7.38
CA SER A 277 2.50 -18.15 -8.41
CA SER A 277 2.47 -18.17 -8.38
C SER A 277 1.42 -18.00 -9.48
C SER A 277 1.43 -17.91 -9.48
N GLU A 278 0.19 -17.66 -9.08
CA GLU A 278 -0.94 -17.52 -10.03
C GLU A 278 -0.69 -16.32 -10.95
N PHE A 279 -0.32 -15.18 -10.39
CA PHE A 279 -0.14 -13.96 -11.21
C PHE A 279 1.15 -14.06 -12.03
N SER A 280 2.16 -14.78 -11.57
N SER A 280 2.16 -14.75 -11.53
CA SER A 280 3.39 -15.03 -12.37
CA SER A 280 3.39 -15.08 -12.32
C SER A 280 3.03 -15.88 -13.60
C SER A 280 2.97 -15.84 -13.58
N ARG A 281 2.19 -16.90 -13.42
CA ARG A 281 1.71 -17.75 -14.55
C ARG A 281 0.92 -16.88 -15.53
N MET A 282 0.05 -16.02 -15.03
CA MET A 282 -0.84 -15.20 -15.89
C MET A 282 -0.03 -14.10 -16.58
N ALA A 283 0.92 -13.46 -15.88
CA ALA A 283 1.74 -12.38 -16.47
C ALA A 283 2.61 -12.94 -17.60
N ARG A 284 2.98 -14.22 -17.52
CA ARG A 284 3.81 -14.91 -18.55
C ARG A 284 2.99 -15.14 -19.82
N ASP A 285 1.68 -15.35 -19.69
CA ASP A 285 0.77 -15.67 -20.83
C ASP A 285 -0.39 -14.66 -20.79
N PRO A 286 -0.12 -13.35 -20.92
CA PRO A 286 -1.13 -12.33 -20.65
C PRO A 286 -2.37 -12.43 -21.57
N GLN A 287 -2.19 -12.85 -22.82
CA GLN A 287 -3.30 -12.91 -23.80
C GLN A 287 -4.37 -13.92 -23.36
N ARG A 288 -4.01 -14.89 -22.51
N ARG A 288 -4.00 -14.89 -22.51
CA ARG A 288 -4.93 -15.95 -22.02
CA ARG A 288 -4.90 -15.97 -22.02
C ARG A 288 -5.86 -15.36 -20.95
C ARG A 288 -5.76 -15.46 -20.85
N PHE A 289 -5.43 -14.29 -20.27
CA PHE A 289 -6.03 -13.86 -18.98
C PHE A 289 -6.63 -12.45 -19.00
N VAL A 290 -6.07 -11.51 -19.77
CA VAL A 290 -6.56 -10.10 -19.78
C VAL A 290 -6.55 -9.62 -21.23
N VAL A 291 -7.67 -9.04 -21.67
CA VAL A 291 -7.86 -8.53 -23.07
C VAL A 291 -8.30 -7.08 -22.98
N ILE A 292 -7.48 -6.15 -23.46
CA ILE A 292 -7.82 -4.70 -23.54
C ILE A 292 -8.06 -4.34 -25.01
N GLN A 293 -9.31 -4.01 -25.37
CA GLN A 293 -9.71 -3.45 -26.68
C GLN A 293 -9.10 -4.29 -27.81
N1 A1AAC B . 0.83 9.89 -2.28
N3 A1AAC B . 4.74 8.16 -0.33
C4 A1AAC B . -0.32 11.14 -0.54
C5 A1AAC B . 1.02 10.55 -3.39
C6 A1AAC B . 3.36 9.96 -3.99
C7 A1AAC B . 5.04 8.83 -2.65
C8 A1AAC B . 3.76 9.40 -2.78
C10 A1AAC B . 5.93 8.82 -3.78
C13 A1AAC B . 5.20 7.89 0.95
C15 A1AAC B . 6.36 8.47 1.44
C17 A1AAC B . 4.44 7.06 1.76
C20 A1AAC B . 8.08 8.86 3.21
C21 A1AAC B . 7.19 6.01 5.04
C22 A1AAC B . 7.47 5.07 4.09
C24 A1AAC B . 7.67 5.88 6.35
C26 A1AAC B . 9.36 2.12 4.64
O1 A1AAC B . -0.03 11.32 -3.77
O2 A1AAC B . 6.46 7.12 4.79
N2 A1AAC B . 2.12 10.56 -4.21
N4 A1AAC B . 7.16 8.26 -3.66
N5 A1AAC B . 6.75 7.71 -1.45
N6 A1AAC B . 8.70 3.85 5.77
N7 A1AAC B . 8.66 2.90 3.82
N8 A1AAC B . 9.42 2.66 5.83
C1 A1AAC B . -0.51 10.24 -1.77
C2 A1AAC B . -1.16 11.01 -2.93
C3 A1AAC B . -1.30 9.00 -1.40
C9 A1AAC B . 4.23 9.93 -5.08
C11 A1AAC B . 5.53 8.23 -1.45
C12 A1AAC B . 5.48 9.40 -4.98
C14 A1AAC B . 6.81 8.21 2.71
C16 A1AAC B . 6.04 7.38 3.52
C18 A1AAC B . 4.87 6.80 3.03
C19 A1AAC B . 7.54 7.74 -2.52
C23 A1AAC B . 8.25 3.96 4.48
C25 A1AAC B . 8.41 4.81 6.70
C1 EDO C . 23.03 8.15 -0.27
O1 EDO C . 22.83 6.93 0.41
C2 EDO C . 24.43 8.61 -0.21
O2 EDO C . 24.95 8.60 1.11
C1 EDO D . 5.32 2.37 5.91
O1 EDO D . 4.07 2.77 6.47
C2 EDO D . 6.25 1.79 6.90
O2 EDO D . 6.66 2.70 7.92
C1 EDO E . 6.22 12.19 -7.82
O1 EDO E . 6.40 13.46 -8.39
C2 EDO E . 5.17 11.41 -8.50
O2 EDO E . 3.88 12.00 -8.40
C1 EDO F . 16.55 2.91 8.27
O1 EDO F . 16.55 2.48 9.62
C2 EDO F . 17.34 4.15 8.04
O2 EDO F . 18.32 4.41 9.02
C1 EDO G . 3.06 8.82 24.74
O1 EDO G . 2.17 7.72 24.82
C2 EDO G . 2.48 10.09 25.22
O2 EDO G . 1.78 9.97 26.45
C1 EDO H . -8.40 2.68 1.48
O1 EDO H . -7.64 3.27 2.52
C2 EDO H . -8.18 3.31 0.15
O2 EDO H . -8.64 4.65 0.06
CL CL I . -18.86 -1.06 -7.47
C1 PEG J . 15.36 -7.45 -7.93
O1 PEG J . 15.81 -8.75 -7.66
C2 PEG J . 14.54 -7.38 -9.18
O2 PEG J . 14.00 -6.07 -9.32
C3 PEG J . 13.31 -5.88 -10.54
C4 PEG J . 11.93 -5.37 -10.27
O4 PEG J . 10.98 -5.89 -11.16
#